data_9EVE
#
_entry.id   9EVE
#
_cell.length_a   46.850
_cell.length_b   51.570
_cell.length_c   86.650
_cell.angle_alpha   90.000
_cell.angle_beta   101.746
_cell.angle_gamma   90.000
#
_symmetry.space_group_name_H-M   'P 1 21 1'
#
_entity_poly.entity_id   1
_entity_poly.type   'polypeptide(L)'
_entity_poly.pdbx_seq_one_letter_code
;MKHHHHHHSSGENLYFQGAKKLGYKFLESLLQKDPSEVVITLATSLGLKELLSHSSMKSNFLELICQVLRKACSSKMDRQ
SVLHVLGILKNSKFLKVCLPAYVVGMITEPIPDIRNQYPEHISNIISLLQDLVSVFPASSVQETSMLVSLLPTSLNALRA
SGVDIEEETEKNLEKVQTIIEHLQEKRREGTLRVDTYTL
;
_entity_poly.pdbx_strand_id   A,B
#
# COMPACT_ATOMS: atom_id res chain seq x y z
N GLN A 17 -28.36 4.48 -20.49
CA GLN A 17 -28.86 3.57 -19.46
C GLN A 17 -27.72 3.07 -18.57
N GLY A 18 -26.93 2.13 -19.09
CA GLY A 18 -25.80 1.66 -18.32
C GLY A 18 -24.56 2.54 -18.41
N ALA A 19 -24.69 3.72 -19.00
CA ALA A 19 -23.59 4.67 -19.09
C ALA A 19 -23.34 5.39 -17.78
N LYS A 20 -24.17 5.15 -16.76
CA LYS A 20 -23.95 5.66 -15.41
C LYS A 20 -23.35 4.59 -14.51
N LYS A 21 -24.09 3.52 -14.26
CA LYS A 21 -23.65 2.46 -13.34
C LYS A 21 -22.84 1.42 -14.13
N LEU A 22 -21.65 1.86 -14.55
CA LEU A 22 -20.76 1.10 -15.42
C LEU A 22 -20.53 -0.32 -14.91
N GLY A 23 -21.08 -1.31 -15.60
CA GLY A 23 -20.96 -2.69 -15.22
C GLY A 23 -19.83 -3.41 -15.95
N TYR A 24 -19.65 -4.68 -15.58
CA TYR A 24 -18.58 -5.48 -16.17
C TYR A 24 -18.82 -5.68 -17.67
N LYS A 25 -20.04 -6.06 -18.05
CA LYS A 25 -20.34 -6.26 -19.47
C LYS A 25 -20.29 -4.95 -20.24
N PHE A 26 -20.70 -3.85 -19.61
CA PHE A 26 -20.64 -2.56 -20.28
C PHE A 26 -19.20 -2.17 -20.59
N LEU A 27 -18.29 -2.37 -19.63
CA LEU A 27 -16.88 -2.07 -19.89
C LEU A 27 -16.28 -3.07 -20.88
N GLU A 28 -16.74 -4.32 -20.87
CA GLU A 28 -16.27 -5.28 -21.86
C GLU A 28 -16.63 -4.84 -23.27
N SER A 29 -17.86 -4.34 -23.45
CA SER A 29 -18.26 -3.86 -24.77
C SER A 29 -17.55 -2.54 -25.11
N LEU A 30 -17.37 -1.67 -24.12
CA LEU A 30 -16.74 -0.38 -24.35
C LEU A 30 -15.26 -0.51 -24.72
N LEU A 31 -14.59 -1.56 -24.23
CA LEU A 31 -13.17 -1.71 -24.51
C LEU A 31 -12.90 -1.89 -26.00
N GLN A 32 -13.84 -2.48 -26.74
CA GLN A 32 -13.63 -2.72 -28.16
C GLN A 32 -13.63 -1.43 -28.98
N LYS A 33 -14.26 -0.36 -28.49
CA LYS A 33 -14.27 0.90 -29.21
C LYS A 33 -12.87 1.51 -29.23
N ASP A 34 -12.74 2.60 -29.99
CA ASP A 34 -11.46 3.29 -30.09
C ASP A 34 -11.22 4.13 -28.83
N PRO A 35 -9.97 4.50 -28.55
CA PRO A 35 -9.67 5.20 -27.29
C PRO A 35 -10.49 6.45 -27.05
N SER A 36 -10.83 7.20 -28.10
CA SER A 36 -11.62 8.41 -27.93
C SER A 36 -12.99 8.09 -27.36
N GLU A 37 -13.66 7.08 -27.92
CA GLU A 37 -14.98 6.70 -27.44
C GLU A 37 -14.91 6.26 -25.98
N VAL A 38 -13.87 5.51 -25.62
CA VAL A 38 -13.74 5.01 -24.25
C VAL A 38 -13.54 6.16 -23.28
N VAL A 39 -12.62 7.07 -23.60
CA VAL A 39 -12.32 8.14 -22.65
C VAL A 39 -13.50 9.13 -22.55
N ILE A 40 -14.21 9.37 -23.66
CA ILE A 40 -15.36 10.26 -23.59
C ILE A 40 -16.51 9.59 -22.85
N THR A 41 -16.66 8.27 -22.97
CA THR A 41 -17.68 7.57 -22.21
C THR A 41 -17.39 7.61 -20.72
N LEU A 42 -16.12 7.45 -20.34
CA LEU A 42 -15.78 7.48 -18.92
C LEU A 42 -15.87 8.89 -18.35
N ALA A 43 -15.43 9.89 -19.10
CA ALA A 43 -15.45 11.26 -18.59
C ALA A 43 -16.87 11.77 -18.37
N THR A 44 -17.82 11.35 -19.19
CA THR A 44 -19.21 11.79 -19.09
C THR A 44 -20.06 10.81 -18.28
N SER A 45 -19.46 9.79 -17.68
CA SER A 45 -20.20 8.82 -16.89
C SER A 45 -20.26 9.28 -15.43
N LEU A 46 -21.46 9.23 -14.85
CA LEU A 46 -21.62 9.65 -13.46
C LEU A 46 -20.96 8.67 -12.50
N GLY A 47 -21.11 7.37 -12.76
CA GLY A 47 -20.63 6.35 -11.83
C GLY A 47 -19.15 6.05 -11.87
N LEU A 48 -18.37 6.76 -12.68
CA LEU A 48 -16.93 6.49 -12.76
C LEU A 48 -16.29 6.58 -11.38
N LYS A 49 -16.61 7.64 -10.63
CA LYS A 49 -16.12 7.76 -9.27
C LYS A 49 -16.55 6.57 -8.43
N GLU A 50 -17.83 6.18 -8.53
CA GLU A 50 -18.31 5.02 -7.80
C GLU A 50 -17.73 3.72 -8.35
N LEU A 51 -17.26 3.72 -9.60
CA LEU A 51 -16.62 2.53 -10.15
C LEU A 51 -15.27 2.29 -9.49
N LEU A 52 -14.51 3.34 -9.24
CA LEU A 52 -13.16 3.24 -8.69
C LEU A 52 -13.13 3.41 -7.17
N SER A 53 -14.29 3.46 -6.52
CA SER A 53 -14.37 3.72 -5.09
C SER A 53 -14.35 2.44 -4.25
N HIS A 54 -13.86 1.34 -4.80
CA HIS A 54 -13.83 0.05 -4.10
C HIS A 54 -12.39 -0.30 -3.76
N SER A 55 -12.10 -0.40 -2.46
CA SER A 55 -10.78 -0.83 -2.01
C SER A 55 -10.57 -2.33 -2.21
N SER A 56 -11.64 -3.09 -2.33
CA SER A 56 -11.57 -4.52 -2.58
C SER A 56 -12.33 -4.85 -3.86
N MET A 57 -11.75 -5.70 -4.70
CA MET A 57 -12.32 -5.98 -6.01
C MET A 57 -11.85 -7.35 -6.47
N LYS A 58 -12.56 -7.90 -7.44
CA LYS A 58 -12.16 -9.15 -8.07
C LYS A 58 -10.98 -8.90 -9.03
N SER A 59 -10.19 -9.94 -9.23
CA SER A 59 -9.04 -9.84 -10.13
C SER A 59 -9.47 -9.52 -11.55
N ASN A 60 -10.51 -10.22 -12.05
CA ASN A 60 -10.96 -10.00 -13.41
C ASN A 60 -11.50 -8.59 -13.62
N PHE A 61 -12.29 -8.09 -12.66
CA PHE A 61 -12.85 -6.76 -12.79
C PHE A 61 -11.76 -5.70 -12.71
N LEU A 62 -10.80 -5.88 -11.79
CA LEU A 62 -9.69 -4.94 -11.70
C LEU A 62 -8.87 -4.92 -12.98
N GLU A 63 -8.59 -6.09 -13.55
CA GLU A 63 -7.81 -6.14 -14.79
C GLU A 63 -8.57 -5.50 -15.95
N LEU A 64 -9.88 -5.72 -16.02
CA LEU A 64 -10.68 -5.07 -17.06
C LEU A 64 -10.68 -3.56 -16.90
N ILE A 65 -10.82 -3.08 -15.66
CA ILE A 65 -10.81 -1.64 -15.42
C ILE A 65 -9.45 -1.05 -15.79
N CYS A 66 -8.37 -1.75 -15.46
CA CYS A 66 -7.04 -1.26 -15.82
C CYS A 66 -6.84 -1.24 -17.33
N GLN A 67 -7.34 -2.25 -18.05
CA GLN A 67 -7.26 -2.24 -19.50
C GLN A 67 -8.04 -1.07 -20.09
N VAL A 68 -9.26 -0.84 -19.56
CA VAL A 68 -10.09 0.25 -20.06
C VAL A 68 -9.44 1.60 -19.81
N LEU A 69 -8.88 1.79 -18.62
CA LEU A 69 -8.23 3.06 -18.31
C LEU A 69 -6.96 3.26 -19.13
N ARG A 70 -6.20 2.18 -19.34
CA ARG A 70 -5.01 2.26 -20.19
C ARG A 70 -5.39 2.70 -21.60
N LYS A 71 -6.46 2.13 -22.15
CA LYS A 71 -6.84 2.46 -23.52
C LYS A 71 -7.44 3.88 -23.58
N ALA A 72 -8.24 4.25 -22.59
CA ALA A 72 -8.88 5.57 -22.60
C ALA A 72 -7.87 6.69 -22.42
N CYS A 73 -7.01 6.58 -21.41
CA CYS A 73 -6.06 7.65 -21.12
C CYS A 73 -4.94 7.73 -22.14
N SER A 74 -4.87 6.79 -23.09
CA SER A 74 -3.93 6.88 -24.19
C SER A 74 -4.43 7.73 -25.34
N SER A 75 -5.69 8.17 -25.30
CA SER A 75 -6.27 8.97 -26.37
C SER A 75 -5.49 10.26 -26.59
N LYS A 76 -4.74 10.33 -27.69
CA LYS A 76 -3.98 11.53 -28.05
C LYS A 76 -4.83 12.47 -28.91
N MET A 77 -5.98 12.85 -28.36
CA MET A 77 -6.94 13.66 -29.10
C MET A 77 -7.88 14.40 -28.15
N ASP A 78 -8.28 13.74 -27.07
CA ASP A 78 -9.27 14.28 -26.13
C ASP A 78 -8.53 14.57 -24.81
N ARG A 79 -7.95 15.77 -24.74
CA ARG A 79 -7.14 16.12 -23.57
C ARG A 79 -8.00 16.35 -22.34
N GLN A 80 -9.13 17.04 -22.48
CA GLN A 80 -9.95 17.35 -21.32
C GLN A 80 -10.55 16.09 -20.70
N SER A 81 -10.93 15.13 -21.54
CA SER A 81 -11.53 13.90 -21.02
C SER A 81 -10.48 13.04 -20.32
N VAL A 82 -9.28 12.94 -20.89
CA VAL A 82 -8.18 12.24 -20.24
C VAL A 82 -7.84 12.92 -18.91
N LEU A 83 -7.85 14.26 -18.90
CA LEU A 83 -7.59 14.99 -17.66
C LEU A 83 -8.62 14.63 -16.59
N HIS A 84 -9.90 14.63 -16.96
CA HIS A 84 -10.95 14.32 -16.00
C HIS A 84 -10.83 12.88 -15.49
N VAL A 85 -10.58 11.94 -16.40
CA VAL A 85 -10.50 10.53 -16.00
C VAL A 85 -9.30 10.30 -15.09
N LEU A 86 -8.14 10.86 -15.44
CA LEU A 86 -6.97 10.69 -14.58
C LEU A 86 -7.13 11.41 -13.25
N GLY A 87 -7.82 12.56 -13.24
CA GLY A 87 -8.06 13.23 -11.97
C GLY A 87 -8.96 12.44 -11.06
N ILE A 88 -9.95 11.74 -11.63
CA ILE A 88 -10.76 10.85 -10.80
C ILE A 88 -9.95 9.62 -10.37
N LEU A 89 -9.06 9.15 -11.25
CA LEU A 89 -8.28 7.95 -10.93
C LEU A 89 -7.30 8.18 -9.79
N LYS A 90 -6.64 9.35 -9.77
CA LYS A 90 -5.58 9.56 -8.80
C LYS A 90 -6.11 9.70 -7.38
N ASN A 91 -7.35 10.15 -7.21
CA ASN A 91 -7.94 10.34 -5.90
C ASN A 91 -8.86 9.20 -5.47
N SER A 92 -8.82 8.08 -6.18
CA SER A 92 -9.73 6.98 -5.95
C SER A 92 -9.10 5.90 -5.07
N LYS A 93 -9.97 5.14 -4.40
CA LYS A 93 -9.52 3.98 -3.63
C LYS A 93 -8.95 2.89 -4.54
N PHE A 94 -9.34 2.88 -5.81
CA PHE A 94 -8.82 1.89 -6.76
C PHE A 94 -7.31 2.02 -6.90
N LEU A 95 -6.81 3.25 -7.05
CA LEU A 95 -5.38 3.47 -7.22
C LEU A 95 -4.65 3.46 -5.87
N LYS A 96 -5.30 3.96 -4.81
CA LYS A 96 -4.63 4.10 -3.52
C LYS A 96 -4.51 2.74 -2.82
N VAL A 97 -5.59 1.97 -2.77
CA VAL A 97 -5.67 0.77 -1.97
C VAL A 97 -5.77 -0.49 -2.83
N CYS A 98 -6.65 -0.48 -3.83
CA CYS A 98 -6.96 -1.71 -4.56
C CYS A 98 -5.78 -2.21 -5.39
N LEU A 99 -5.20 -1.32 -6.19
CA LEU A 99 -4.08 -1.72 -7.06
C LEU A 99 -2.85 -2.15 -6.27
N PRO A 100 -2.40 -1.44 -5.23
CA PRO A 100 -1.26 -1.95 -4.45
C PRO A 100 -1.53 -3.31 -3.81
N ALA A 101 -2.74 -3.52 -3.29
CA ALA A 101 -3.07 -4.81 -2.69
C ALA A 101 -3.05 -5.91 -3.74
N TYR A 102 -3.50 -5.62 -4.96
CA TYR A 102 -3.46 -6.62 -6.03
C TYR A 102 -2.03 -6.93 -6.44
N VAL A 103 -1.17 -5.90 -6.52
CA VAL A 103 0.22 -6.11 -6.88
C VAL A 103 0.92 -6.95 -5.83
N VAL A 104 0.62 -6.71 -4.55
CA VAL A 104 1.20 -7.52 -3.50
C VAL A 104 0.65 -8.94 -3.56
N GLY A 105 -0.66 -9.08 -3.84
CA GLY A 105 -1.27 -10.39 -3.97
C GLY A 105 -0.76 -11.20 -5.13
N MET A 106 -0.04 -10.58 -6.07
CA MET A 106 0.58 -11.36 -7.14
C MET A 106 1.59 -12.38 -6.61
N ILE A 107 2.27 -12.06 -5.49
CA ILE A 107 3.40 -12.86 -5.05
C ILE A 107 2.97 -14.23 -4.51
N THR A 108 1.78 -14.33 -3.93
CA THR A 108 1.33 -15.57 -3.31
C THR A 108 0.28 -16.29 -4.16
N GLU A 109 0.34 -16.09 -5.48
CA GLU A 109 -0.59 -16.77 -6.38
C GLU A 109 -0.04 -18.16 -6.71
N PRO A 110 -0.75 -19.24 -6.37
CA PRO A 110 -0.26 -20.58 -6.69
C PRO A 110 -0.51 -20.98 -8.14
N ILE A 111 -1.63 -20.53 -8.69
CA ILE A 111 -2.03 -20.95 -10.03
C ILE A 111 -1.07 -20.36 -11.06
N PRO A 112 -0.48 -21.19 -11.93
CA PRO A 112 0.45 -20.64 -12.92
C PRO A 112 -0.22 -19.88 -14.05
N ASP A 113 -1.46 -20.24 -14.41
CA ASP A 113 -2.14 -19.58 -15.52
C ASP A 113 -2.36 -18.09 -15.24
N ILE A 114 -2.61 -17.73 -13.98
CA ILE A 114 -2.79 -16.32 -13.62
C ILE A 114 -1.44 -15.61 -13.52
N ARG A 115 -0.42 -16.31 -13.00
CA ARG A 115 0.91 -15.73 -12.91
C ARG A 115 1.45 -15.40 -14.30
N ASN A 116 1.14 -16.24 -15.29
CA ASN A 116 1.60 -15.98 -16.65
C ASN A 116 0.86 -14.81 -17.30
N GLN A 117 -0.36 -14.52 -16.84
CA GLN A 117 -1.11 -13.39 -17.38
C GLN A 117 -0.82 -12.09 -16.64
N TYR A 118 -0.22 -12.17 -15.46
CA TYR A 118 0.13 -10.95 -14.71
C TYR A 118 0.97 -9.94 -15.49
N PRO A 119 1.97 -10.31 -16.30
CA PRO A 119 2.80 -9.28 -16.96
C PRO A 119 2.01 -8.26 -17.79
N GLU A 120 0.93 -8.68 -18.45
CA GLU A 120 0.14 -7.74 -19.23
C GLU A 120 -0.51 -6.69 -18.33
N HIS A 121 -1.03 -7.11 -17.18
CA HIS A 121 -1.63 -6.17 -16.26
C HIS A 121 -0.58 -5.29 -15.61
N ILE A 122 0.63 -5.82 -15.40
CA ILE A 122 1.73 -4.99 -14.90
C ILE A 122 2.09 -3.92 -15.91
N SER A 123 2.11 -4.27 -17.21
CA SER A 123 2.39 -3.28 -18.24
C SER A 123 1.30 -2.21 -18.28
N ASN A 124 0.04 -2.62 -18.12
CA ASN A 124 -1.04 -1.64 -18.09
C ASN A 124 -0.90 -0.70 -16.89
N ILE A 125 -0.54 -1.25 -15.73
CA ILE A 125 -0.38 -0.43 -14.53
C ILE A 125 0.77 0.55 -14.70
N ILE A 126 1.88 0.10 -15.28
CA ILE A 126 3.02 1.00 -15.48
C ILE A 126 2.67 2.09 -16.49
N SER A 127 1.86 1.75 -17.51
CA SER A 127 1.42 2.77 -18.46
C SER A 127 0.55 3.82 -17.77
N LEU A 128 -0.37 3.38 -16.90
CA LEU A 128 -1.17 4.34 -16.15
C LEU A 128 -0.31 5.17 -15.20
N LEU A 129 0.76 4.57 -14.66
CA LEU A 129 1.68 5.33 -13.81
C LEU A 129 2.39 6.41 -14.60
N GLN A 130 2.81 6.09 -15.83
CA GLN A 130 3.41 7.12 -16.69
C GLN A 130 2.40 8.23 -16.99
N ASP A 131 1.15 7.84 -17.27
CA ASP A 131 0.11 8.84 -17.50
C ASP A 131 -0.05 9.77 -16.30
N LEU A 132 -0.02 9.20 -15.10
CA LEU A 132 -0.18 10.01 -13.89
C LEU A 132 1.03 10.91 -13.65
N VAL A 133 2.23 10.38 -13.83
CA VAL A 133 3.42 11.21 -13.59
C VAL A 133 3.65 12.25 -14.68
N SER A 134 2.95 12.14 -15.81
CA SER A 134 3.03 13.18 -16.82
C SER A 134 1.88 14.18 -16.75
N VAL A 135 0.70 13.75 -16.30
CA VAL A 135 -0.46 14.65 -16.25
C VAL A 135 -0.62 15.27 -14.87
N PHE A 136 -0.46 14.49 -13.80
CA PHE A 136 -0.57 14.97 -12.43
C PHE A 136 0.73 14.64 -11.68
N PRO A 137 1.82 15.32 -12.01
CA PRO A 137 3.09 14.99 -11.33
C PRO A 137 3.12 15.41 -9.87
N ALA A 138 2.56 16.57 -9.54
CA ALA A 138 2.72 17.11 -8.19
C ALA A 138 1.77 16.45 -7.19
N SER A 139 0.51 16.24 -7.56
CA SER A 139 -0.51 15.79 -6.62
C SER A 139 -0.65 14.28 -6.56
N SER A 140 -0.05 13.54 -7.48
CA SER A 140 -0.13 12.08 -7.50
C SER A 140 1.20 11.43 -7.15
N VAL A 141 2.02 12.11 -6.34
CA VAL A 141 3.34 11.58 -6.01
C VAL A 141 3.24 10.37 -5.09
N GLN A 142 2.32 10.42 -4.11
CA GLN A 142 2.26 9.35 -3.10
C GLN A 142 1.80 8.03 -3.70
N GLU A 143 0.73 8.06 -4.49
CA GLU A 143 0.18 6.81 -5.03
C GLU A 143 1.13 6.17 -6.03
N THR A 144 1.69 6.98 -6.93
CA THR A 144 2.63 6.44 -7.91
C THR A 144 3.90 5.98 -7.22
N SER A 145 4.30 6.63 -6.13
CA SER A 145 5.49 6.17 -5.40
C SER A 145 5.24 4.83 -4.74
N MET A 146 4.06 4.66 -4.13
CA MET A 146 3.72 3.37 -3.53
C MET A 146 3.70 2.27 -4.58
N LEU A 147 3.14 2.56 -5.76
CA LEU A 147 3.04 1.51 -6.78
C LEU A 147 4.40 1.18 -7.39
N VAL A 148 5.23 2.19 -7.66
CA VAL A 148 6.56 1.90 -8.20
C VAL A 148 7.51 1.35 -7.15
N SER A 149 7.16 1.45 -5.86
CA SER A 149 7.92 0.77 -4.83
C SER A 149 7.47 -0.67 -4.64
N LEU A 150 6.20 -0.96 -4.91
CA LEU A 150 5.70 -2.33 -4.80
C LEU A 150 5.93 -3.18 -6.05
N LEU A 151 6.08 -2.54 -7.22
CA LEU A 151 6.16 -3.32 -8.45
C LEU A 151 7.43 -4.17 -8.56
N PRO A 152 8.64 -3.65 -8.29
CA PRO A 152 9.83 -4.51 -8.48
C PRO A 152 9.85 -5.76 -7.64
N THR A 153 9.19 -5.76 -6.48
CA THR A 153 9.16 -6.96 -5.66
C THR A 153 8.36 -8.07 -6.34
N SER A 154 7.17 -7.72 -6.85
CA SER A 154 6.37 -8.72 -7.56
C SER A 154 7.02 -9.10 -8.88
N LEU A 155 7.77 -8.18 -9.50
CA LEU A 155 8.48 -8.53 -10.73
C LEU A 155 9.59 -9.55 -10.45
N ASN A 156 10.34 -9.36 -9.36
CA ASN A 156 11.36 -10.33 -9.00
C ASN A 156 10.74 -11.67 -8.60
N ALA A 157 9.59 -11.62 -7.92
CA ALA A 157 8.91 -12.85 -7.51
C ALA A 157 8.42 -13.64 -8.73
N LEU A 158 7.89 -12.94 -9.74
CA LEU A 158 7.43 -13.63 -10.94
C LEU A 158 8.60 -14.09 -11.80
N ARG A 159 9.68 -13.30 -11.86
CA ARG A 159 10.85 -13.69 -12.63
C ARG A 159 11.52 -14.92 -12.05
N ALA A 160 11.56 -15.02 -10.71
CA ALA A 160 12.15 -16.20 -10.08
C ALA A 160 11.25 -17.42 -10.21
N SER A 161 9.94 -17.21 -10.30
CA SER A 161 8.97 -18.29 -10.37
C SER A 161 8.65 -18.70 -11.81
N GLY A 162 9.55 -18.40 -12.76
CA GLY A 162 9.42 -18.84 -14.13
C GLY A 162 8.70 -17.87 -15.05
N VAL A 163 7.84 -17.01 -14.52
CA VAL A 163 7.08 -16.08 -15.36
C VAL A 163 8.03 -15.02 -15.90
N ASP A 164 8.15 -14.95 -17.22
CA ASP A 164 9.03 -13.97 -17.86
C ASP A 164 8.36 -12.61 -17.95
N ILE A 165 9.19 -11.56 -17.91
CA ILE A 165 8.73 -10.19 -18.01
C ILE A 165 9.32 -9.58 -19.28
N GLU A 166 8.50 -8.81 -20.00
CA GLU A 166 8.99 -8.12 -21.18
C GLU A 166 10.01 -7.06 -20.79
N GLU A 167 11.03 -6.89 -21.64
CA GLU A 167 12.10 -5.93 -21.35
C GLU A 167 11.57 -4.50 -21.41
N GLU A 168 10.64 -4.23 -22.34
CA GLU A 168 10.04 -2.89 -22.44
C GLU A 168 9.32 -2.52 -21.14
N THR A 169 8.72 -3.50 -20.47
CA THR A 169 8.08 -3.24 -19.18
C THR A 169 9.09 -2.77 -18.16
N GLU A 170 10.27 -3.42 -18.12
CA GLU A 170 11.32 -3.00 -17.20
C GLU A 170 11.83 -1.61 -17.52
N LYS A 171 11.99 -1.30 -18.82
CA LYS A 171 12.42 0.03 -19.22
C LYS A 171 11.42 1.10 -18.77
N ASN A 172 10.13 0.85 -19.01
CA ASN A 172 9.11 1.82 -18.63
C ASN A 172 9.07 2.00 -17.11
N LEU A 173 9.22 0.91 -16.35
CA LEU A 173 9.20 1.04 -14.91
C LEU A 173 10.40 1.82 -14.41
N GLU A 174 11.56 1.63 -15.02
CA GLU A 174 12.73 2.40 -14.61
C GLU A 174 12.57 3.88 -14.95
N LYS A 175 11.93 4.18 -16.10
CA LYS A 175 11.68 5.57 -16.46
C LYS A 175 10.76 6.25 -15.45
N VAL A 176 9.64 5.60 -15.13
CA VAL A 176 8.71 6.22 -14.18
C VAL A 176 9.35 6.29 -12.79
N GLN A 177 10.23 5.34 -12.45
CA GLN A 177 10.95 5.42 -11.19
C GLN A 177 11.87 6.63 -11.15
N THR A 178 12.54 6.92 -12.26
CA THR A 178 13.41 8.09 -12.30
C THR A 178 12.60 9.37 -12.14
N ILE A 179 11.48 9.48 -12.85
CA ILE A 179 10.66 10.69 -12.73
C ILE A 179 10.16 10.87 -11.30
N ILE A 180 9.69 9.78 -10.68
CA ILE A 180 9.16 9.87 -9.33
C ILE A 180 10.27 10.20 -8.33
N GLU A 181 11.45 9.61 -8.51
CA GLU A 181 12.58 9.93 -7.64
C GLU A 181 12.93 11.42 -7.73
N HIS A 182 12.92 11.99 -8.94
CA HIS A 182 13.26 13.40 -9.05
C HIS A 182 12.18 14.28 -8.43
N LEU A 183 10.92 13.88 -8.54
CA LEU A 183 9.86 14.66 -7.91
C LEU A 183 9.95 14.60 -6.38
N GLN A 184 10.26 13.42 -5.83
CA GLN A 184 10.43 13.32 -4.39
C GLN A 184 11.63 14.13 -3.92
N GLU A 185 12.74 14.05 -4.64
CA GLU A 185 13.92 14.83 -4.30
C GLU A 185 13.62 16.32 -4.30
N LYS A 186 12.85 16.79 -5.29
CA LYS A 186 12.51 18.21 -5.35
C LYS A 186 11.44 18.60 -4.34
N ARG A 187 10.69 17.64 -3.80
CA ARG A 187 9.76 17.94 -2.73
C ARG A 187 10.39 17.89 -1.34
N ARG A 188 11.54 17.23 -1.19
CA ARG A 188 12.18 17.18 0.12
C ARG A 188 12.65 18.55 0.60
N GLU A 189 12.94 19.46 -0.32
CA GLU A 189 13.35 20.80 0.07
C GLU A 189 12.19 21.79 -0.09
N GLN B 17 -13.18 2.44 33.23
CA GLN B 17 -14.23 3.40 32.94
C GLN B 17 -14.15 3.90 31.51
N GLY B 18 -13.19 4.79 31.27
CA GLY B 18 -12.95 5.35 29.95
C GLY B 18 -12.11 4.48 29.04
N ALA B 19 -11.95 3.19 29.39
CA ALA B 19 -11.11 2.29 28.61
C ALA B 19 -11.72 1.92 27.26
N LYS B 20 -12.94 2.34 26.97
CA LYS B 20 -13.51 2.23 25.63
C LYS B 20 -13.41 3.58 24.93
N LYS B 21 -13.56 3.54 23.60
CA LYS B 21 -13.32 4.71 22.75
C LYS B 21 -11.91 5.24 22.99
N LEU B 22 -10.93 4.40 22.65
CA LEU B 22 -9.53 4.70 22.93
C LEU B 22 -9.10 6.03 22.35
N GLY B 23 -8.89 7.02 23.21
CA GLY B 23 -8.50 8.35 22.79
C GLY B 23 -7.00 8.56 22.90
N TYR B 24 -6.57 9.74 22.44
CA TYR B 24 -5.15 10.07 22.45
C TYR B 24 -4.61 10.15 23.86
N LYS B 25 -5.33 10.84 24.75
CA LYS B 25 -4.88 10.99 26.13
C LYS B 25 -4.91 9.65 26.87
N PHE B 26 -5.91 8.82 26.58
CA PHE B 26 -5.97 7.52 27.25
C PHE B 26 -4.79 6.65 26.85
N LEU B 27 -4.43 6.63 25.56
CA LEU B 27 -3.27 5.86 25.13
C LEU B 27 -1.98 6.47 25.66
N GLU B 28 -1.93 7.80 25.78
CA GLU B 28 -0.74 8.43 26.36
C GLU B 28 -0.54 8.01 27.81
N SER B 29 -1.62 7.95 28.58
CA SER B 29 -1.50 7.52 29.97
C SER B 29 -1.22 6.02 30.05
N LEU B 30 -1.85 5.23 29.18
CA LEU B 30 -1.68 3.78 29.20
C LEU B 30 -0.28 3.36 28.80
N LEU B 31 0.40 4.14 27.96
CA LEU B 31 1.74 3.76 27.52
C LEU B 31 2.72 3.69 28.68
N GLN B 32 2.52 4.50 29.73
CA GLN B 32 3.43 4.52 30.86
C GLN B 32 3.38 3.24 31.68
N LYS B 33 2.27 2.50 31.64
CA LYS B 33 2.17 1.26 32.38
C LYS B 33 3.12 0.21 31.78
N ASP B 34 3.21 -0.93 32.47
CA ASP B 34 4.05 -2.02 31.99
C ASP B 34 3.36 -2.76 30.85
N PRO B 35 4.12 -3.48 30.03
CA PRO B 35 3.51 -4.11 28.83
C PRO B 35 2.32 -4.99 29.12
N SER B 36 2.30 -5.68 30.26
CA SER B 36 1.17 -6.54 30.59
C SER B 36 -0.11 -5.73 30.75
N GLU B 37 -0.04 -4.63 31.48
CA GLU B 37 -1.22 -3.78 31.66
C GLU B 37 -1.71 -3.23 30.33
N VAL B 38 -0.78 -2.84 29.46
CA VAL B 38 -1.16 -2.25 28.18
C VAL B 38 -1.86 -3.29 27.31
N VAL B 39 -1.28 -4.49 27.21
CA VAL B 39 -1.85 -5.50 26.33
C VAL B 39 -3.17 -6.01 26.86
N ILE B 40 -3.31 -6.12 28.19
CA ILE B 40 -4.59 -6.57 28.74
C ILE B 40 -5.65 -5.48 28.60
N THR B 41 -5.25 -4.21 28.70
CA THR B 41 -6.20 -3.13 28.49
C THR B 41 -6.68 -3.09 27.04
N LEU B 42 -5.78 -3.32 26.09
CA LEU B 42 -6.19 -3.30 24.68
C LEU B 42 -7.02 -4.53 24.33
N ALA B 43 -6.64 -5.71 24.83
CA ALA B 43 -7.37 -6.92 24.50
C ALA B 43 -8.79 -6.91 25.05
N THR B 44 -8.99 -6.30 26.22
CA THR B 44 -10.30 -6.24 26.85
C THR B 44 -11.07 -4.98 26.52
N SER B 45 -10.56 -4.15 25.61
CA SER B 45 -11.23 -2.93 25.19
C SER B 45 -12.12 -3.22 23.98
N LEU B 46 -13.37 -2.76 24.05
CA LEU B 46 -14.29 -2.97 22.94
C LEU B 46 -13.90 -2.15 21.72
N GLY B 47 -13.49 -0.89 21.94
CA GLY B 47 -13.23 0.00 20.83
C GLY B 47 -11.91 -0.17 20.12
N LEU B 48 -11.10 -1.16 20.52
CA LEU B 48 -9.80 -1.37 19.87
C LEU B 48 -9.94 -1.51 18.37
N LYS B 49 -10.89 -2.35 17.93
CA LYS B 49 -11.15 -2.50 16.51
C LYS B 49 -11.50 -1.16 15.86
N GLU B 50 -12.36 -0.38 16.52
CA GLU B 50 -12.70 0.93 15.97
C GLU B 50 -11.55 1.92 16.06
N LEU B 51 -10.56 1.66 16.93
CA LEU B 51 -9.39 2.52 16.97
C LEU B 51 -8.54 2.35 15.72
N LEU B 52 -8.39 1.11 15.25
CA LEU B 52 -7.55 0.80 14.10
C LEU B 52 -8.33 0.75 12.79
N SER B 53 -9.60 1.16 12.80
CA SER B 53 -10.44 1.09 11.63
C SER B 53 -10.39 2.36 10.78
N HIS B 54 -9.33 3.16 10.94
CA HIS B 54 -9.18 4.42 10.22
C HIS B 54 -8.06 4.27 9.20
N SER B 55 -8.40 4.40 7.92
CA SER B 55 -7.39 4.37 6.88
C SER B 55 -6.58 5.66 6.82
N SER B 56 -7.12 6.75 7.37
CA SER B 56 -6.43 8.02 7.42
C SER B 56 -6.34 8.47 8.88
N MET B 57 -5.17 8.99 9.26
CA MET B 57 -4.93 9.34 10.65
C MET B 57 -3.87 10.43 10.72
N LYS B 58 -3.81 11.10 11.87
CA LYS B 58 -2.77 12.08 12.11
C LYS B 58 -1.45 11.38 12.41
N SER B 59 -0.35 12.09 12.14
CA SER B 59 0.97 11.51 12.39
C SER B 59 1.18 11.22 13.86
N ASN B 60 0.81 12.16 14.74
CA ASN B 60 1.02 11.98 16.16
C ASN B 60 0.21 10.81 16.70
N PHE B 61 -1.06 10.71 16.29
CA PHE B 61 -1.91 9.63 16.78
C PHE B 61 -1.44 8.28 16.26
N LEU B 62 -1.05 8.21 14.99
CA LEU B 62 -0.53 6.97 14.44
C LEU B 62 0.75 6.54 15.14
N GLU B 63 1.65 7.49 15.42
CA GLU B 63 2.90 7.13 16.10
C GLU B 63 2.63 6.68 17.52
N LEU B 64 1.67 7.32 18.21
CA LEU B 64 1.32 6.87 19.56
C LEU B 64 0.72 5.47 19.54
N ILE B 65 -0.16 5.20 18.57
CA ILE B 65 -0.75 3.87 18.47
C ILE B 65 0.32 2.82 18.18
N CYS B 66 1.28 3.15 17.33
CA CYS B 66 2.36 2.21 17.03
C CYS B 66 3.23 1.97 18.26
N GLN B 67 3.52 3.01 19.04
CA GLN B 67 4.27 2.83 20.28
C GLN B 67 3.51 1.95 21.26
N VAL B 68 2.20 2.18 21.40
CA VAL B 68 1.39 1.41 22.33
C VAL B 68 1.35 -0.06 21.90
N LEU B 69 1.20 -0.32 20.60
CA LEU B 69 1.16 -1.70 20.13
C LEU B 69 2.51 -2.37 20.28
N ARG B 70 3.60 -1.63 20.03
CA ARG B 70 4.93 -2.17 20.23
C ARG B 70 5.14 -2.59 21.68
N LYS B 71 4.72 -1.75 22.62
CA LYS B 71 4.92 -2.07 24.03
C LYS B 71 4.00 -3.20 24.48
N ALA B 72 2.74 -3.18 24.02
CA ALA B 72 1.78 -4.19 24.44
C ALA B 72 2.13 -5.56 23.89
N CYS B 73 2.37 -5.66 22.58
CA CYS B 73 2.64 -6.95 21.96
C CYS B 73 4.01 -7.50 22.32
N SER B 74 4.83 -6.74 23.04
CA SER B 74 6.09 -7.24 23.56
C SER B 74 5.92 -8.00 24.88
N SER B 75 4.71 -7.98 25.46
CA SER B 75 4.45 -8.63 26.74
C SER B 75 4.75 -10.13 26.69
N LYS B 76 5.84 -10.53 27.34
CA LYS B 76 6.24 -11.93 27.42
C LYS B 76 5.62 -12.58 28.66
N MET B 77 4.29 -12.50 28.73
CA MET B 77 3.57 -12.98 29.91
C MET B 77 2.11 -13.29 29.59
N ASP B 78 1.48 -12.46 28.77
CA ASP B 78 0.05 -12.55 28.48
C ASP B 78 -0.10 -12.95 27.01
N ARG B 79 -0.08 -14.26 26.75
CA ARG B 79 -0.11 -14.75 25.38
C ARG B 79 -1.48 -14.54 24.73
N GLN B 80 -2.56 -14.79 25.47
CA GLN B 80 -3.90 -14.66 24.89
C GLN B 80 -4.20 -13.22 24.51
N SER B 81 -3.75 -12.27 25.33
CA SER B 81 -4.02 -10.86 25.04
C SER B 81 -3.22 -10.38 23.85
N VAL B 82 -1.94 -10.78 23.76
CA VAL B 82 -1.14 -10.46 22.59
C VAL B 82 -1.74 -11.08 21.35
N LEU B 83 -2.24 -12.32 21.45
CA LEU B 83 -2.90 -12.96 20.33
C LEU B 83 -4.10 -12.16 19.86
N HIS B 84 -4.95 -11.74 20.79
CA HIS B 84 -6.15 -10.98 20.41
C HIS B 84 -5.79 -9.64 19.79
N VAL B 85 -4.82 -8.94 20.37
CA VAL B 85 -4.45 -7.62 19.87
C VAL B 85 -3.84 -7.73 18.48
N LEU B 86 -2.93 -8.68 18.28
CA LEU B 86 -2.32 -8.86 16.97
C LEU B 86 -3.33 -9.36 15.94
N GLY B 87 -4.29 -10.19 16.35
CA GLY B 87 -5.32 -10.63 15.43
C GLY B 87 -6.22 -9.50 14.97
N ILE B 88 -6.52 -8.56 15.86
CA ILE B 88 -7.27 -7.38 15.45
C ILE B 88 -6.41 -6.48 14.58
N LEU B 89 -5.11 -6.40 14.89
CA LEU B 89 -4.24 -5.50 14.13
C LEU B 89 -4.04 -5.97 12.70
N LYS B 90 -3.91 -7.28 12.48
CA LYS B 90 -3.58 -7.78 11.15
C LYS B 90 -4.73 -7.59 10.17
N ASN B 91 -5.97 -7.57 10.65
CA ASN B 91 -7.14 -7.42 9.80
C ASN B 91 -7.69 -6.01 9.77
N SER B 92 -6.95 -5.03 10.28
CA SER B 92 -7.43 -3.66 10.42
C SER B 92 -6.96 -2.79 9.27
N LYS B 93 -7.73 -1.72 9.01
CA LYS B 93 -7.32 -0.71 8.04
C LYS B 93 -6.07 0.03 8.48
N PHE B 94 -5.78 0.05 9.78
CA PHE B 94 -4.58 0.71 10.29
C PHE B 94 -3.33 0.07 9.70
N LEU B 95 -3.27 -1.26 9.69
CA LEU B 95 -2.11 -1.96 9.15
C LEU B 95 -2.16 -2.07 7.63
N LYS B 96 -3.35 -2.22 7.06
CA LYS B 96 -3.48 -2.45 5.62
C LYS B 96 -3.25 -1.18 4.81
N VAL B 97 -3.88 -0.08 5.23
CA VAL B 97 -3.91 1.15 4.44
C VAL B 97 -3.13 2.27 5.13
N CYS B 98 -3.37 2.48 6.42
CA CYS B 98 -2.85 3.67 7.10
C CYS B 98 -1.33 3.61 7.22
N LEU B 99 -0.80 2.50 7.72
CA LEU B 99 0.64 2.37 7.90
C LEU B 99 1.43 2.41 6.59
N PRO B 100 1.03 1.71 5.52
CA PRO B 100 1.79 1.86 4.27
C PRO B 100 1.79 3.28 3.73
N ALA B 101 0.66 3.97 3.79
CA ALA B 101 0.61 5.35 3.33
C ALA B 101 1.49 6.24 4.19
N TYR B 102 1.54 5.97 5.50
CA TYR B 102 2.40 6.75 6.38
C TYR B 102 3.87 6.50 6.07
N VAL B 103 4.23 5.25 5.78
CA VAL B 103 5.61 4.93 5.42
C VAL B 103 6.00 5.62 4.11
N VAL B 104 5.08 5.64 3.14
CA VAL B 104 5.37 6.29 1.87
C VAL B 104 5.49 7.80 2.04
N GLY B 105 4.66 8.39 2.89
CA GLY B 105 4.70 9.83 3.13
C GLY B 105 6.00 10.34 3.75
N MET B 106 6.85 9.43 4.25
CA MET B 106 8.14 9.86 4.79
C MET B 106 9.03 10.47 3.72
N ILE B 107 8.89 10.03 2.47
CA ILE B 107 9.85 10.42 1.43
C ILE B 107 9.70 11.90 1.07
N THR B 108 8.49 12.44 1.16
CA THR B 108 8.24 13.82 0.76
C THR B 108 8.06 14.75 1.95
N GLU B 109 8.67 14.41 3.09
CA GLU B 109 8.60 15.28 4.26
C GLU B 109 9.69 16.34 4.19
N PRO B 110 9.35 17.63 4.16
CA PRO B 110 10.38 18.67 4.08
C PRO B 110 11.00 18.97 5.43
N ILE B 111 10.21 18.88 6.49
CA ILE B 111 10.67 19.28 7.83
C ILE B 111 11.74 18.30 8.31
N PRO B 112 12.92 18.78 8.72
CA PRO B 112 13.96 17.84 9.17
C PRO B 112 13.70 17.27 10.55
N ASP B 113 13.02 18.00 11.44
CA ASP B 113 12.79 17.50 12.79
C ASP B 113 11.93 16.24 12.79
N ILE B 114 10.99 16.13 11.85
CA ILE B 114 10.16 14.93 11.77
C ILE B 114 10.91 13.80 11.07
N ARG B 115 11.72 14.14 10.07
CA ARG B 115 12.54 13.12 9.41
C ARG B 115 13.52 12.49 10.38
N ASN B 116 14.05 13.28 11.32
CA ASN B 116 14.97 12.75 12.31
C ASN B 116 14.27 11.89 13.35
N GLN B 117 12.97 12.10 13.58
CA GLN B 117 12.23 11.27 14.50
C GLN B 117 11.64 10.02 13.84
N TYR B 118 11.60 10.00 12.51
CA TYR B 118 11.11 8.81 11.79
C TYR B 118 11.79 7.50 12.18
N PRO B 119 13.12 7.43 12.39
CA PRO B 119 13.73 6.12 12.69
C PRO B 119 13.12 5.38 13.88
N GLU B 120 12.69 6.09 14.93
CA GLU B 120 12.09 5.42 16.08
C GLU B 120 10.78 4.76 15.70
N HIS B 121 9.96 5.44 14.91
CA HIS B 121 8.70 4.86 14.47
C HIS B 121 8.94 3.73 13.47
N ILE B 122 9.99 3.83 12.66
CA ILE B 122 10.35 2.74 11.76
C ILE B 122 10.74 1.51 12.56
N SER B 123 11.50 1.71 13.64
CA SER B 123 11.87 0.58 14.51
C SER B 123 10.64 -0.03 15.15
N ASN B 124 9.69 0.80 15.57
CA ASN B 124 8.45 0.28 16.14
C ASN B 124 7.66 -0.53 15.10
N ILE B 125 7.62 -0.04 13.87
CA ILE B 125 6.90 -0.75 12.80
C ILE B 125 7.55 -2.09 12.51
N ILE B 126 8.89 -2.12 12.47
CA ILE B 126 9.59 -3.38 12.21
C ILE B 126 9.39 -4.35 13.37
N SER B 127 9.33 -3.84 14.61
CA SER B 127 9.04 -4.72 15.74
C SER B 127 7.65 -5.33 15.64
N LEU B 128 6.65 -4.51 15.26
CA LEU B 128 5.31 -5.05 15.06
C LEU B 128 5.27 -6.04 13.90
N LEU B 129 6.10 -5.82 12.87
CA LEU B 129 6.18 -6.77 11.77
C LEU B 129 6.75 -8.10 12.23
N GLN B 130 7.77 -8.06 13.08
CA GLN B 130 8.31 -9.29 13.66
C GLN B 130 7.25 -10.00 14.49
N ASP B 131 6.49 -9.24 15.29
CA ASP B 131 5.41 -9.84 16.07
C ASP B 131 4.40 -10.52 15.17
N LEU B 132 4.05 -9.89 14.05
CA LEU B 132 3.05 -10.48 13.14
C LEU B 132 3.60 -11.72 12.44
N VAL B 133 4.85 -11.67 11.97
CA VAL B 133 5.41 -12.82 11.27
C VAL B 133 5.75 -13.96 12.21
N SER B 134 5.76 -13.73 13.52
CA SER B 134 5.96 -14.82 14.46
C SER B 134 4.66 -15.35 15.04
N VAL B 135 3.63 -14.50 15.18
CA VAL B 135 2.37 -14.94 15.77
C VAL B 135 1.35 -15.34 14.71
N PHE B 136 1.24 -14.57 13.62
CA PHE B 136 0.34 -14.86 12.51
C PHE B 136 1.14 -14.92 11.21
N PRO B 137 1.98 -15.95 11.04
CA PRO B 137 2.79 -16.00 9.80
C PRO B 137 1.97 -16.29 8.56
N ALA B 138 0.96 -17.16 8.65
CA ALA B 138 0.25 -17.61 7.46
C ALA B 138 -0.78 -16.59 7.00
N SER B 139 -1.53 -15.99 7.92
CA SER B 139 -2.66 -15.14 7.55
C SER B 139 -2.29 -13.67 7.40
N SER B 140 -1.10 -13.25 7.83
CA SER B 140 -0.67 -11.87 7.73
C SER B 140 0.48 -11.70 6.72
N VAL B 141 0.53 -12.57 5.70
CA VAL B 141 1.63 -12.50 4.74
C VAL B 141 1.50 -11.27 3.85
N GLN B 142 0.28 -10.95 3.42
CA GLN B 142 0.08 -9.85 2.48
C GLN B 142 0.40 -8.51 3.12
N GLU B 143 -0.12 -8.28 4.33
CA GLU B 143 0.03 -6.99 4.99
C GLU B 143 1.49 -6.74 5.38
N THR B 144 2.15 -7.77 5.93
CA THR B 144 3.56 -7.61 6.28
C THR B 144 4.43 -7.50 5.04
N SER B 145 4.03 -8.15 3.94
CA SER B 145 4.81 -8.07 2.71
C SER B 145 4.75 -6.66 2.12
N MET B 146 3.57 -6.03 2.15
CA MET B 146 3.48 -4.66 1.65
C MET B 146 4.38 -3.72 2.43
N LEU B 147 4.41 -3.88 3.75
CA LEU B 147 5.21 -2.97 4.58
C LEU B 147 6.70 -3.23 4.43
N VAL B 148 7.12 -4.50 4.35
CA VAL B 148 8.53 -4.78 4.14
C VAL B 148 8.98 -4.49 2.71
N SER B 149 8.03 -4.29 1.79
CA SER B 149 8.39 -3.82 0.47
C SER B 149 8.45 -2.29 0.40
N LEU B 150 7.67 -1.59 1.23
CA LEU B 150 7.73 -0.14 1.25
C LEU B 150 8.80 0.44 2.17
N LEU B 151 9.25 -0.32 3.18
CA LEU B 151 10.18 0.27 4.15
C LEU B 151 11.55 0.58 3.57
N PRO B 152 12.20 -0.30 2.80
CA PRO B 152 13.56 0.04 2.32
C PRO B 152 13.61 1.27 1.44
N THR B 153 12.52 1.60 0.73
CA THR B 153 12.53 2.80 -0.10
C THR B 153 12.58 4.06 0.76
N SER B 154 11.75 4.12 1.79
CA SER B 154 11.79 5.27 2.69
C SER B 154 13.08 5.29 3.51
N LEU B 155 13.66 4.11 3.79
CA LEU B 155 14.95 4.08 4.48
C LEU B 155 16.05 4.66 3.60
N ASN B 156 16.05 4.32 2.31
CA ASN B 156 17.04 4.91 1.41
C ASN B 156 16.81 6.41 1.25
N ALA B 157 15.55 6.83 1.23
CA ALA B 157 15.25 8.26 1.11
C ALA B 157 15.72 9.02 2.34
N LEU B 158 15.55 8.45 3.53
CA LEU B 158 16.01 9.11 4.75
C LEU B 158 17.53 9.06 4.87
N ARG B 159 18.15 7.96 4.45
CA ARG B 159 19.60 7.86 4.49
C ARG B 159 20.27 8.85 3.55
N ALA B 160 19.66 9.08 2.38
CA ALA B 160 20.21 10.05 1.45
C ALA B 160 19.97 11.48 1.93
N SER B 161 18.91 11.71 2.70
CA SER B 161 18.57 13.04 3.18
C SER B 161 19.18 13.35 4.55
N GLY B 162 20.26 12.67 4.93
CA GLY B 162 20.98 12.97 6.15
C GLY B 162 20.52 12.21 7.37
N VAL B 163 19.28 11.74 7.41
CA VAL B 163 18.77 11.03 8.58
C VAL B 163 19.44 9.67 8.69
N ASP B 164 20.11 9.44 9.81
CA ASP B 164 20.82 8.18 10.04
C ASP B 164 19.86 7.08 10.48
N ILE B 165 20.20 5.85 10.12
CA ILE B 165 19.41 4.66 10.46
C ILE B 165 20.24 3.78 11.38
N GLU B 166 19.60 3.26 12.42
CA GLU B 166 20.27 2.34 13.33
C GLU B 166 20.59 1.02 12.64
N GLU B 167 21.73 0.44 13.00
CA GLU B 167 22.16 -0.82 12.40
C GLU B 167 21.23 -1.97 12.82
N GLU B 168 20.78 -1.96 14.07
CA GLU B 168 19.86 -2.97 14.55
C GLU B 168 18.54 -2.94 13.79
N THR B 169 18.09 -1.74 13.40
CA THR B 169 16.87 -1.61 12.62
C THR B 169 17.01 -2.30 11.27
N GLU B 170 18.17 -2.11 10.62
CA GLU B 170 18.42 -2.76 9.33
C GLU B 170 18.49 -4.27 9.49
N LYS B 171 19.13 -4.74 10.57
CA LYS B 171 19.21 -6.17 10.83
C LYS B 171 17.82 -6.77 10.99
N ASN B 172 16.97 -6.11 11.78
CA ASN B 172 15.62 -6.61 12.03
C ASN B 172 14.81 -6.63 10.73
N LEU B 173 14.95 -5.58 9.92
CA LEU B 173 14.18 -5.54 8.67
C LEU B 173 14.64 -6.64 7.72
N GLU B 174 15.95 -6.91 7.65
CA GLU B 174 16.41 -7.99 6.78
C GLU B 174 15.95 -9.35 7.28
N LYS B 175 15.90 -9.55 8.60
CA LYS B 175 15.41 -10.82 9.14
C LYS B 175 13.94 -11.03 8.79
N VAL B 176 13.11 -10.01 9.02
CA VAL B 176 11.69 -10.16 8.71
C VAL B 176 11.49 -10.30 7.21
N GLN B 177 12.34 -9.68 6.40
CA GLN B 177 12.26 -9.85 4.95
C GLN B 177 12.56 -11.30 4.56
N THR B 178 13.55 -11.91 5.20
CA THR B 178 13.86 -13.31 4.89
C THR B 178 12.70 -14.21 5.26
N ILE B 179 12.11 -14.00 6.44
CA ILE B 179 10.98 -14.83 6.86
C ILE B 179 9.82 -14.69 5.88
N ILE B 180 9.50 -13.45 5.49
CA ILE B 180 8.39 -13.22 4.58
C ILE B 180 8.68 -13.81 3.20
N GLU B 181 9.93 -13.70 2.74
CA GLU B 181 10.29 -14.30 1.46
C GLU B 181 10.08 -15.80 1.47
N HIS B 182 10.47 -16.46 2.57
CA HIS B 182 10.27 -17.91 2.63
C HIS B 182 8.80 -18.27 2.72
N LEU B 183 7.99 -17.44 3.39
CA LEU B 183 6.55 -17.72 3.45
C LEU B 183 5.91 -17.57 2.07
N GLN B 184 6.31 -16.55 1.32
CA GLN B 184 5.80 -16.39 -0.04
C GLN B 184 6.24 -17.54 -0.93
N GLU B 185 7.51 -17.95 -0.82
CA GLU B 185 8.00 -19.09 -1.59
C GLU B 185 7.20 -20.34 -1.29
N LYS B 186 6.89 -20.57 -0.01
CA LYS B 186 6.12 -21.77 0.34
C LYS B 186 4.64 -21.63 0.01
N ARG B 187 4.15 -20.42 -0.22
CA ARG B 187 2.78 -20.25 -0.70
C ARG B 187 2.65 -20.33 -2.21
N ARG B 188 3.75 -20.13 -2.95
CA ARG B 188 3.67 -20.23 -4.40
C ARG B 188 3.37 -21.65 -4.86
N GLU B 189 3.77 -22.66 -4.10
CA GLU B 189 3.46 -24.04 -4.44
C GLU B 189 2.32 -24.58 -3.60
#